data_8VCK
#
_entry.id   8VCK
#
_cell.length_a   56.960
_cell.length_b   41.036
_cell.length_c   66.224
_cell.angle_alpha   90.000
_cell.angle_beta   106.550
_cell.angle_gamma   90.000
#
_symmetry.space_group_name_H-M   'P 1 21 1'
#
loop_
_entity.id
_entity.type
_entity.pdbx_description
1 polymer 'Galactose-binding lectin'
2 non-polymer GLYCEROL
3 non-polymer 'ACETATE ION'
4 non-polymer DI(HYDROXYETHYL)ETHER
5 water water
#
_entity_poly.entity_id   1
_entity_poly.type   'polypeptide(L)'
_entity_poly.pdbx_seq_one_letter_code
;GHMTTFLIKHKASGKFLHPKGGSSNPANDTNLVLHSDIHERMYFQFDVVDERWGYIKHAASGKIVHPLGGKADPPNETKL
VLHQDRHDRALFAMDFFNDNIIHKAGKYIHPKGGSTNPPNETLTVMHGDKHKAMEFIFVSPKDKDKRVLVYV
;
_entity_poly.pdbx_strand_id   A,B
#
loop_
_chem_comp.id
_chem_comp.type
_chem_comp.name
_chem_comp.formula
ACT non-polymer 'ACETATE ION' 'C2 H3 O2 -1'
GOL non-polymer GLYCEROL 'C3 H8 O3'
PEG non-polymer DI(HYDROXYETHYL)ETHER 'C4 H10 O3'
#
# COMPACT_ATOMS: atom_id res chain seq x y z
N MET A 3 -4.18 14.21 -10.65
CA MET A 3 -2.83 13.62 -10.90
C MET A 3 -2.25 13.06 -9.60
N THR A 4 -1.86 13.93 -8.65
CA THR A 4 -1.37 13.46 -7.34
C THR A 4 -2.47 13.66 -6.29
N THR A 5 -3.60 14.25 -6.69
CA THR A 5 -4.67 14.59 -5.78
C THR A 5 -5.64 13.43 -5.74
N PHE A 6 -6.29 13.28 -4.60
CA PHE A 6 -7.28 12.23 -4.39
C PHE A 6 -8.34 12.74 -3.43
N LEU A 7 -9.45 12.04 -3.37
CA LEU A 7 -10.48 12.27 -2.36
C LEU A 7 -10.38 11.16 -1.32
N ILE A 8 -10.57 11.50 -0.05
CA ILE A 8 -10.56 10.50 1.02
C ILE A 8 -12.02 10.17 1.31
N LYS A 9 -12.47 8.98 0.85
CA LYS A 9 -13.89 8.60 0.92
C LYS A 9 -14.14 7.65 2.08
N HIS A 10 -15.09 8.03 2.98
CA HIS A 10 -15.54 7.14 4.02
C HIS A 10 -16.33 6.01 3.40
N LYS A 11 -15.79 4.77 3.52
CA LYS A 11 -16.30 3.66 2.72
C LYS A 11 -17.77 3.40 3.00
N ALA A 12 -18.16 3.40 4.27
CA ALA A 12 -19.52 2.98 4.60
C ALA A 12 -20.60 3.97 4.15
N SER A 13 -20.31 5.28 4.17
CA SER A 13 -21.32 6.29 3.88
C SER A 13 -21.14 6.95 2.52
N GLY A 14 -19.94 6.90 1.95
CA GLY A 14 -19.63 7.67 0.75
C GLY A 14 -19.39 9.14 0.98
N LYS A 15 -19.43 9.62 2.21
CA LYS A 15 -18.99 10.97 2.47
C LYS A 15 -17.46 11.05 2.38
N PHE A 16 -16.94 12.26 2.43
CA PHE A 16 -15.51 12.53 2.24
C PHE A 16 -14.93 13.34 3.38
N LEU A 17 -13.62 13.28 3.53
CA LEU A 17 -12.96 14.15 4.49
CA LEU A 17 -13.00 14.16 4.51
C LEU A 17 -12.82 15.55 3.93
N HIS A 18 -13.14 16.57 4.75
CA HIS A 18 -13.09 17.99 4.38
C HIS A 18 -12.44 18.77 5.50
N PRO A 19 -11.82 19.91 5.22
CA PRO A 19 -11.61 20.90 6.30
C PRO A 19 -12.96 21.45 6.69
N LYS A 20 -13.21 21.59 8.00
CA LYS A 20 -14.46 22.22 8.43
C LYS A 20 -14.59 23.62 7.83
N GLY A 21 -15.71 23.86 7.16
CA GLY A 21 -15.92 25.13 6.51
C GLY A 21 -15.63 25.12 5.02
N GLY A 22 -14.86 24.15 4.53
CA GLY A 22 -14.63 24.03 3.11
C GLY A 22 -13.73 25.07 2.48
N SER A 23 -12.89 25.74 3.27
CA SER A 23 -12.06 26.81 2.71
C SER A 23 -10.85 26.26 1.96
N SER A 24 -10.42 27.03 0.94
CA SER A 24 -9.12 26.75 0.33
CA SER A 24 -9.13 26.78 0.32
C SER A 24 -7.98 27.05 1.28
N ASN A 25 -8.24 27.79 2.35
CA ASN A 25 -7.18 28.29 3.22
C ASN A 25 -7.58 28.14 4.69
N PRO A 26 -7.88 26.92 5.14
CA PRO A 26 -8.25 26.76 6.57
C PRO A 26 -7.13 27.18 7.51
N ALA A 27 -7.50 27.83 8.61
CA ALA A 27 -6.52 28.21 9.63
C ALA A 27 -5.93 26.99 10.35
N ASN A 28 -4.73 27.18 10.92
CA ASN A 28 -4.19 26.13 11.81
C ASN A 28 -5.21 25.71 12.84
N ASP A 29 -5.26 24.41 13.07
CA ASP A 29 -6.13 23.76 14.04
C ASP A 29 -7.60 23.69 13.60
N THR A 30 -7.89 23.91 12.30
CA THR A 30 -9.20 23.62 11.74
C THR A 30 -9.51 22.12 11.80
N ASN A 31 -10.71 21.75 12.28
CA ASN A 31 -11.08 20.34 12.38
C ASN A 31 -11.23 19.71 11.01
N LEU A 32 -10.87 18.44 10.96
CA LEU A 32 -11.16 17.61 9.81
CA LEU A 32 -11.13 17.59 9.81
C LEU A 32 -12.49 16.92 10.02
N VAL A 33 -13.41 17.09 9.08
CA VAL A 33 -14.77 16.58 9.23
C VAL A 33 -15.17 15.73 8.03
N LEU A 34 -16.29 15.04 8.18
CA LEU A 34 -16.93 14.32 7.08
C LEU A 34 -18.04 15.15 6.44
N HIS A 35 -18.11 15.15 5.11
CA HIS A 35 -19.17 15.88 4.41
C HIS A 35 -19.37 15.24 3.05
N SER A 36 -20.63 15.27 2.59
CA SER A 36 -20.97 14.66 1.30
C SER A 36 -20.47 15.45 0.09
N ASP A 37 -20.19 16.77 0.20
CA ASP A 37 -19.91 17.57 -0.97
C ASP A 37 -18.56 17.20 -1.58
N ILE A 38 -18.44 17.50 -2.88
CA ILE A 38 -17.17 17.33 -3.61
C ILE A 38 -16.80 18.68 -4.23
N HIS A 39 -15.53 19.09 -4.08
CA HIS A 39 -15.02 20.32 -4.69
C HIS A 39 -13.51 20.33 -4.47
N GLU A 40 -12.83 21.22 -5.18
CA GLU A 40 -11.34 21.21 -5.09
CA GLU A 40 -11.34 21.24 -5.08
C GLU A 40 -10.71 21.52 -3.67
N ARG A 41 -11.60 22.10 -2.82
CA ARG A 41 -11.12 22.36 -1.48
C ARG A 41 -11.22 21.18 -0.54
N MET A 42 -11.62 20.00 -1.03
CA MET A 42 -11.52 18.79 -0.26
C MET A 42 -10.59 17.78 -0.90
N TYR A 43 -9.80 18.21 -1.87
CA TYR A 43 -8.77 17.32 -2.44
C TYR A 43 -7.59 17.20 -1.47
N PHE A 44 -7.00 16.00 -1.42
CA PHE A 44 -5.82 15.73 -0.60
C PHE A 44 -4.69 15.19 -1.45
N GLN A 45 -3.49 15.28 -0.90
CA GLN A 45 -2.26 14.70 -1.45
C GLN A 45 -1.57 13.96 -0.30
N PHE A 46 -0.61 13.10 -0.63
CA PHE A 46 0.14 12.40 0.40
C PHE A 46 1.60 12.56 0.08
N ASP A 47 2.37 13.06 1.04
CA ASP A 47 3.81 13.33 0.83
C ASP A 47 4.59 12.29 1.62
N VAL A 48 5.23 11.34 0.93
CA VAL A 48 5.92 10.24 1.60
C VAL A 48 7.16 10.76 2.30
N VAL A 49 7.37 10.29 3.53
CA VAL A 49 8.53 10.68 4.32
C VAL A 49 9.47 9.50 4.55
N ASP A 50 8.93 8.35 4.95
CA ASP A 50 9.78 7.21 5.34
C ASP A 50 8.99 5.92 5.07
N GLU A 51 9.26 5.28 3.93
CA GLU A 51 8.59 4.05 3.52
C GLU A 51 7.08 4.25 3.51
N ARG A 52 6.36 3.58 4.41
CA ARG A 52 4.91 3.76 4.41
C ARG A 52 4.45 5.09 5.04
N TRP A 53 5.30 5.77 5.78
CA TRP A 53 4.86 6.90 6.60
C TRP A 53 4.99 8.18 5.81
N GLY A 54 3.99 9.05 5.97
CA GLY A 54 4.11 10.36 5.34
C GLY A 54 3.06 11.31 5.88
N TYR A 55 2.95 12.44 5.20
CA TYR A 55 2.00 13.49 5.60
C TYR A 55 0.76 13.50 4.72
N ILE A 56 -0.42 13.57 5.35
CA ILE A 56 -1.68 13.70 4.62
C ILE A 56 -1.95 15.18 4.45
N LYS A 57 -2.00 15.67 3.21
CA LYS A 57 -1.91 17.11 2.95
C LYS A 57 -3.17 17.62 2.27
N HIS A 58 -3.75 18.69 2.80
CA HIS A 58 -4.83 19.38 2.12
C HIS A 58 -4.25 20.12 0.91
N ALA A 59 -4.71 19.76 -0.28
CA ALA A 59 -4.01 20.21 -1.48
C ALA A 59 -4.02 21.73 -1.63
N ALA A 60 -5.15 22.37 -1.34
CA ALA A 60 -5.29 23.79 -1.61
C ALA A 60 -4.46 24.67 -0.69
N SER A 61 -4.22 24.21 0.55
CA SER A 61 -3.52 25.05 1.52
C SER A 61 -2.15 24.56 1.90
N GLY A 62 -1.82 23.30 1.63
CA GLY A 62 -0.56 22.74 2.10
C GLY A 62 -0.56 22.35 3.56
N LYS A 63 -1.64 22.55 4.29
CA LYS A 63 -1.68 22.12 5.68
C LYS A 63 -1.81 20.61 5.74
N ILE A 64 -1.25 20.02 6.79
CA ILE A 64 -1.28 18.56 6.91
C ILE A 64 -2.11 18.13 8.11
N VAL A 65 -2.47 16.86 8.11
CA VAL A 65 -3.30 16.31 9.20
C VAL A 65 -2.46 16.06 10.44
N HIS A 66 -2.93 16.55 11.62
CA HIS A 66 -2.28 16.33 12.90
C HIS A 66 -3.30 15.85 13.91
N PRO A 67 -2.90 15.05 14.89
CA PRO A 67 -3.68 14.94 16.13
C PRO A 67 -3.58 16.30 16.82
N LEU A 68 -4.72 16.82 17.28
CA LEU A 68 -4.69 18.14 17.93
C LEU A 68 -3.75 18.09 19.12
N GLY A 69 -2.80 19.04 19.15
CA GLY A 69 -1.77 19.08 20.17
C GLY A 69 -0.46 18.45 19.76
N GLY A 70 -0.46 17.65 18.72
CA GLY A 70 0.78 17.13 18.16
C GLY A 70 1.57 16.17 19.03
N LYS A 71 0.91 15.40 19.91
CA LYS A 71 1.65 14.44 20.75
C LYS A 71 1.96 13.16 19.98
N ALA A 72 3.04 12.49 20.40
CA ALA A 72 3.50 11.28 19.71
C ALA A 72 2.51 10.13 19.84
N ASP A 73 1.83 10.03 21.00
CA ASP A 73 0.95 8.90 21.33
C ASP A 73 -0.39 9.41 21.85
N PRO A 74 -1.19 10.01 20.97
CA PRO A 74 -2.44 10.66 21.40
C PRO A 74 -3.47 9.65 21.88
N PRO A 75 -4.24 9.97 22.91
CA PRO A 75 -5.26 9.04 23.41
C PRO A 75 -6.47 8.97 22.47
N ASN A 76 -7.28 7.92 22.68
CA ASN A 76 -8.55 7.80 21.96
C ASN A 76 -9.36 9.08 22.13
N GLU A 77 -10.07 9.46 21.06
CA GLU A 77 -10.94 10.64 20.96
C GLU A 77 -10.17 11.94 20.70
N THR A 78 -8.85 11.88 20.50
CA THR A 78 -8.11 13.07 20.11
C THR A 78 -8.59 13.54 18.75
N LYS A 79 -8.96 14.83 18.63
CA LYS A 79 -9.47 15.35 17.36
C LYS A 79 -8.36 15.45 16.32
N LEU A 80 -8.74 15.22 15.06
CA LEU A 80 -7.82 15.47 13.96
CA LEU A 80 -7.84 15.45 13.93
C LEU A 80 -8.07 16.85 13.37
N VAL A 81 -6.97 17.57 13.11
CA VAL A 81 -7.00 18.95 12.65
C VAL A 81 -6.00 19.11 11.51
N LEU A 82 -6.12 20.22 10.80
CA LEU A 82 -5.11 20.65 9.83
C LEU A 82 -4.16 21.65 10.46
N HIS A 83 -2.87 21.54 10.16
CA HIS A 83 -1.88 22.47 10.69
C HIS A 83 -0.69 22.52 9.75
N GLN A 84 -0.02 23.66 9.64
CA GLN A 84 1.12 23.78 8.68
C GLN A 84 2.40 23.11 9.19
N ASP A 85 2.50 22.88 10.49
CA ASP A 85 3.79 22.36 10.98
C ASP A 85 4.08 20.99 10.39
N ARG A 86 5.37 20.70 10.14
CA ARG A 86 5.81 19.36 9.77
C ARG A 86 6.68 18.79 10.88
N HIS A 87 6.30 17.60 11.38
CA HIS A 87 7.12 16.89 12.37
C HIS A 87 6.64 15.44 12.40
N ASP A 88 7.37 14.61 13.15
CA ASP A 88 7.11 13.19 13.04
CA ASP A 88 7.16 13.16 13.12
C ASP A 88 5.88 12.74 13.79
N ARG A 89 5.21 13.59 14.57
CA ARG A 89 3.93 13.22 15.22
C ARG A 89 2.75 13.41 14.25
N ALA A 90 3.00 13.90 13.06
CA ALA A 90 1.98 14.00 12.02
C ALA A 90 2.19 12.96 10.93
N LEU A 91 2.89 11.86 11.24
CA LEU A 91 3.09 10.78 10.26
C LEU A 91 1.96 9.77 10.32
N PHE A 92 1.44 9.45 9.13
CA PHE A 92 0.39 8.46 8.94
C PHE A 92 0.81 7.54 7.81
N ALA A 93 0.17 6.36 7.77
CA ALA A 93 0.25 5.49 6.59
C ALA A 93 -1.15 5.31 6.03
N MET A 94 -1.22 5.21 4.72
CA MET A 94 -2.49 5.07 3.99
CA MET A 94 -2.49 5.07 4.01
C MET A 94 -2.61 3.61 3.57
N ASP A 95 -3.31 2.83 4.38
CA ASP A 95 -3.39 1.37 4.19
C ASP A 95 -4.50 1.10 3.18
N PHE A 96 -4.12 1.01 1.91
CA PHE A 96 -5.09 0.80 0.85
C PHE A 96 -5.39 -0.67 0.64
N PHE A 97 -4.83 -1.57 1.47
CA PHE A 97 -5.19 -2.98 1.43
C PHE A 97 -6.23 -3.35 2.46
N ASN A 98 -6.09 -2.84 3.68
CA ASN A 98 -7.13 -3.01 4.71
C ASN A 98 -8.11 -1.85 4.77
N ASP A 99 -7.86 -0.79 4.00
CA ASP A 99 -8.74 0.38 3.85
C ASP A 99 -8.86 1.20 5.12
N ASN A 100 -7.73 1.65 5.66
CA ASN A 100 -7.80 2.53 6.79
C ASN A 100 -6.60 3.46 6.78
N ILE A 101 -6.62 4.43 7.69
CA ILE A 101 -5.55 5.41 7.83
C ILE A 101 -5.01 5.28 9.25
N ILE A 102 -3.74 4.91 9.36
CA ILE A 102 -3.11 4.60 10.63
C ILE A 102 -2.04 5.64 10.98
N HIS A 103 -2.06 6.10 12.23
CA HIS A 103 -1.06 7.02 12.72
C HIS A 103 0.18 6.22 13.14
N LYS A 104 1.35 6.92 13.19
CA LYS A 104 2.60 6.26 13.56
C LYS A 104 2.51 5.51 14.89
N ALA A 105 1.70 5.97 15.85
CA ALA A 105 1.57 5.31 17.14
C ALA A 105 0.47 4.23 17.18
N GLY A 106 -0.18 3.96 16.06
CA GLY A 106 -0.98 2.76 15.94
C GLY A 106 -2.48 2.96 16.00
N LYS A 107 -2.98 4.15 16.32
CA LYS A 107 -4.41 4.36 16.25
C LYS A 107 -4.83 4.82 14.86
N TYR A 108 -6.14 4.78 14.60
CA TYR A 108 -6.69 5.03 13.28
C TYR A 108 -7.58 6.26 13.27
N ILE A 109 -7.79 6.81 12.06
CA ILE A 109 -8.77 7.89 11.91
C ILE A 109 -10.16 7.29 11.90
N HIS A 110 -11.05 7.82 12.72
CA HIS A 110 -12.46 7.43 12.83
C HIS A 110 -13.36 8.63 12.69
N PRO A 111 -14.61 8.44 12.26
CA PRO A 111 -15.62 9.45 12.58
C PRO A 111 -15.90 9.43 14.08
N LYS A 112 -16.03 10.63 14.68
CA LYS A 112 -16.35 10.70 16.10
C LYS A 112 -17.70 10.05 16.33
N GLY A 113 -17.70 9.06 17.19
CA GLY A 113 -18.91 8.30 17.48
C GLY A 113 -19.01 6.98 16.75
N GLY A 114 -18.19 6.78 15.72
CA GLY A 114 -18.06 5.48 15.11
C GLY A 114 -19.21 5.01 14.25
N SER A 115 -20.04 5.93 13.74
CA SER A 115 -21.21 5.53 12.97
C SER A 115 -20.85 5.20 11.54
N THR A 116 -21.49 4.17 10.98
CA THR A 116 -21.40 3.93 9.54
C THR A 116 -22.14 5.01 8.72
N ASN A 117 -22.98 5.83 9.32
CA ASN A 117 -23.72 6.86 8.62
C ASN A 117 -23.61 8.18 9.36
N PRO A 118 -22.40 8.74 9.45
CA PRO A 118 -22.22 10.00 10.16
C PRO A 118 -22.85 11.14 9.40
N PRO A 119 -23.53 12.07 10.06
CA PRO A 119 -24.07 13.24 9.35
C PRO A 119 -22.96 14.20 8.91
N ASN A 120 -23.32 15.02 7.95
CA ASN A 120 -22.42 16.08 7.54
C ASN A 120 -21.93 16.87 8.74
N GLU A 121 -20.66 17.25 8.64
CA GLU A 121 -19.93 18.01 9.70
C GLU A 121 -19.43 17.18 10.97
N THR A 122 -19.65 15.85 10.87
CA THR A 122 -19.11 14.99 11.93
C THR A 122 -17.60 15.14 12.03
N LEU A 123 -17.11 15.34 13.25
CA LEU A 123 -15.66 15.46 13.43
C LEU A 123 -14.98 14.11 13.25
N THR A 124 -13.68 14.13 13.01
CA THR A 124 -12.89 12.90 13.03
C THR A 124 -11.95 12.90 14.23
N VAL A 125 -11.65 11.70 14.72
CA VAL A 125 -10.85 11.53 15.93
C VAL A 125 -9.96 10.31 15.74
N MET A 126 -8.93 10.22 16.55
CA MET A 126 -8.12 9.01 16.61
CA MET A 126 -8.11 9.02 16.64
C MET A 126 -8.75 7.99 17.55
N HIS A 127 -8.73 6.71 17.13
CA HIS A 127 -9.21 5.65 18.01
C HIS A 127 -8.52 4.35 17.63
N GLY A 128 -8.24 3.51 18.63
CA GLY A 128 -7.49 2.32 18.35
C GLY A 128 -8.27 1.17 17.74
N ASP A 129 -9.61 1.20 17.81
CA ASP A 129 -10.40 0.06 17.33
C ASP A 129 -10.45 0.04 15.80
N LYS A 130 -10.65 -1.17 15.24
CA LYS A 130 -10.81 -1.37 13.81
C LYS A 130 -12.20 -1.96 13.57
N HIS A 131 -12.97 -1.36 12.65
CA HIS A 131 -14.34 -1.79 12.37
C HIS A 131 -14.78 -1.10 11.09
N LYS A 132 -15.96 -1.49 10.57
CA LYS A 132 -16.41 -1.00 9.27
C LYS A 132 -16.42 0.53 9.16
N ALA A 133 -16.88 1.22 10.20
CA ALA A 133 -17.05 2.66 10.13
C ALA A 133 -15.76 3.44 10.12
N MET A 134 -14.59 2.80 10.27
CA MET A 134 -13.34 3.55 10.18
C MET A 134 -12.59 3.24 8.90
N GLU A 135 -13.28 2.63 7.95
CA GLU A 135 -12.66 2.30 6.67
C GLU A 135 -12.75 3.48 5.70
N PHE A 136 -11.66 3.74 4.99
CA PHE A 136 -11.57 4.80 4.00
C PHE A 136 -10.90 4.25 2.75
N ILE A 137 -11.35 4.77 1.60
CA ILE A 137 -10.72 4.43 0.30
C ILE A 137 -10.33 5.77 -0.34
N PHE A 138 -9.38 5.70 -1.26
CA PHE A 138 -8.72 6.89 -1.80
C PHE A 138 -8.99 6.88 -3.29
N VAL A 139 -9.74 7.87 -3.77
CA VAL A 139 -10.33 7.80 -5.11
C VAL A 139 -9.98 9.03 -5.96
N SER A 140 -10.14 8.87 -7.25
CA SER A 140 -9.80 9.92 -8.19
C SER A 140 -10.81 11.06 -8.11
N PRO A 141 -10.34 12.33 -8.15
CA PRO A 141 -11.30 13.43 -8.22
C PRO A 141 -12.20 13.36 -9.43
N LYS A 142 -11.71 12.78 -10.53
CA LYS A 142 -12.53 12.69 -11.73
C LYS A 142 -13.29 11.36 -11.87
N ASP A 143 -13.25 10.50 -10.86
CA ASP A 143 -13.97 9.22 -10.91
C ASP A 143 -14.04 8.75 -9.47
N LYS A 144 -15.10 9.16 -8.78
CA LYS A 144 -15.16 8.99 -7.32
C LYS A 144 -15.32 7.54 -6.90
N ASP A 145 -15.45 6.61 -7.83
CA ASP A 145 -15.45 5.18 -7.50
C ASP A 145 -14.16 4.50 -7.93
N LYS A 146 -13.22 5.21 -8.53
CA LYS A 146 -11.98 4.60 -9.00
C LYS A 146 -10.87 4.85 -7.99
N ARG A 147 -10.34 3.79 -7.40
CA ARG A 147 -9.26 3.97 -6.44
C ARG A 147 -8.00 4.44 -7.15
N VAL A 148 -7.22 5.30 -6.47
CA VAL A 148 -5.95 5.76 -6.99
C VAL A 148 -4.82 5.53 -6.00
N LEU A 149 -3.59 5.41 -6.55
CA LEU A 149 -2.41 5.19 -5.73
C LEU A 149 -2.00 6.51 -5.07
N VAL A 150 -2.01 6.54 -3.73
CA VAL A 150 -1.68 7.79 -3.05
C VAL A 150 -0.20 7.94 -2.80
N TYR A 151 0.54 6.83 -2.93
CA TYR A 151 2.02 6.83 -2.77
C TYR A 151 2.62 7.31 -4.09
N VAL A 152 2.69 8.62 -4.29
CA VAL A 152 3.16 9.27 -5.55
C VAL A 152 3.46 10.72 -5.17
N HIS B 2 10.38 6.27 -12.39
CA HIS B 2 11.29 5.64 -11.42
C HIS B 2 10.65 4.46 -10.69
N MET B 3 11.39 3.37 -10.55
CA MET B 3 10.95 2.20 -9.79
C MET B 3 12.05 1.82 -8.82
N THR B 4 11.74 1.86 -7.53
CA THR B 4 12.65 1.43 -6.47
C THR B 4 13.04 -0.03 -6.69
N THR B 5 14.31 -0.33 -6.53
CA THR B 5 14.80 -1.70 -6.64
CA THR B 5 14.78 -1.71 -6.65
C THR B 5 14.79 -2.36 -5.27
N PHE B 6 14.37 -3.63 -5.20
CA PHE B 6 14.22 -4.28 -3.90
C PHE B 6 14.44 -5.78 -3.99
N LEU B 7 14.59 -6.41 -2.82
CA LEU B 7 14.62 -7.88 -2.74
C LEU B 7 13.25 -8.32 -2.23
N ILE B 8 12.76 -9.43 -2.73
CA ILE B 8 11.52 -10.01 -2.25
C ILE B 8 11.92 -11.09 -1.27
N LYS B 9 11.71 -10.83 0.01
CA LYS B 9 12.17 -11.71 1.07
C LYS B 9 11.00 -12.53 1.62
N HIS B 10 11.14 -13.86 1.59
CA HIS B 10 10.22 -14.77 2.27
C HIS B 10 10.38 -14.58 3.76
N LYS B 11 9.29 -14.11 4.41
CA LYS B 11 9.40 -13.64 5.80
C LYS B 11 9.80 -14.77 6.74
N ALA B 12 9.21 -15.96 6.55
CA ALA B 12 9.44 -17.03 7.53
C ALA B 12 10.86 -17.61 7.45
N SER B 13 11.48 -17.65 6.26
CA SER B 13 12.76 -18.31 6.09
C SER B 13 13.91 -17.36 5.92
N GLY B 14 13.65 -16.13 5.51
CA GLY B 14 14.71 -15.21 5.17
C GLY B 14 15.29 -15.41 3.79
N LYS B 15 14.75 -16.35 3.00
CA LYS B 15 15.21 -16.55 1.62
C LYS B 15 14.54 -15.54 0.71
N PHE B 16 14.98 -15.51 -0.55
CA PHE B 16 14.53 -14.50 -1.49
C PHE B 16 13.96 -15.15 -2.75
N LEU B 17 13.14 -14.41 -3.47
CA LEU B 17 12.72 -14.85 -4.79
C LEU B 17 13.82 -14.60 -5.82
N HIS B 18 14.08 -15.62 -6.67
CA HIS B 18 15.09 -15.57 -7.73
C HIS B 18 14.50 -16.16 -9.00
N PRO B 19 15.02 -15.77 -10.15
CA PRO B 19 14.84 -16.65 -11.31
C PRO B 19 15.73 -17.88 -11.13
N LYS B 20 15.18 -19.07 -11.42
CA LYS B 20 15.97 -20.28 -11.34
C LYS B 20 17.21 -20.19 -12.20
N GLY B 21 18.37 -20.39 -11.57
CA GLY B 21 19.67 -20.26 -12.21
C GLY B 21 20.30 -18.90 -12.18
N GLY B 22 19.58 -17.87 -11.81
CA GLY B 22 20.24 -16.60 -11.53
C GLY B 22 20.73 -15.84 -12.76
N SER B 23 20.13 -16.05 -13.94
CA SER B 23 20.64 -15.40 -15.16
C SER B 23 20.26 -13.91 -15.19
N SER B 24 21.12 -13.09 -15.81
CA SER B 24 20.74 -11.71 -16.07
CA SER B 24 20.73 -11.71 -16.07
C SER B 24 19.64 -11.61 -17.13
N ASN B 25 19.45 -12.65 -17.95
CA ASN B 25 18.37 -12.64 -18.95
C ASN B 25 17.77 -14.02 -19.01
N PRO B 26 16.94 -14.36 -18.02
CA PRO B 26 16.34 -15.71 -17.98
C PRO B 26 15.47 -15.92 -19.21
N ALA B 27 15.48 -17.15 -19.72
CA ALA B 27 14.60 -17.49 -20.81
C ALA B 27 13.14 -17.37 -20.39
N ASN B 28 12.28 -17.14 -21.38
CA ASN B 28 10.85 -17.19 -21.08
C ASN B 28 10.49 -18.52 -20.46
N ASP B 29 9.61 -18.47 -19.47
CA ASP B 29 9.11 -19.61 -18.69
C ASP B 29 10.11 -20.17 -17.69
N THR B 30 11.18 -19.44 -17.38
CA THR B 30 12.04 -19.81 -16.28
C THR B 30 11.27 -19.73 -14.95
N ASN B 31 11.43 -20.76 -14.12
CA ASN B 31 10.68 -20.80 -12.88
C ASN B 31 11.17 -19.72 -11.92
N LEU B 32 10.25 -19.20 -11.12
CA LEU B 32 10.58 -18.34 -9.96
C LEU B 32 10.75 -19.21 -8.74
N VAL B 33 11.92 -19.13 -8.08
CA VAL B 33 12.25 -20.04 -6.98
C VAL B 33 12.68 -19.23 -5.76
N LEU B 34 12.79 -19.91 -4.61
CA LEU B 34 13.34 -19.33 -3.39
CA LEU B 34 13.33 -19.33 -3.39
C LEU B 34 14.79 -19.75 -3.24
N HIS B 35 15.66 -18.81 -2.88
CA HIS B 35 17.07 -19.12 -2.70
C HIS B 35 17.65 -18.10 -1.73
N SER B 36 18.65 -18.52 -0.96
CA SER B 36 19.23 -17.64 0.05
C SER B 36 20.22 -16.61 -0.48
N ASP B 37 20.78 -16.82 -1.68
CA ASP B 37 21.79 -15.90 -2.22
C ASP B 37 21.23 -14.50 -2.47
N ILE B 38 22.12 -13.51 -2.37
CA ILE B 38 21.81 -12.13 -2.76
C ILE B 38 22.81 -11.71 -3.84
N HIS B 39 22.29 -11.20 -4.94
CA HIS B 39 23.09 -10.66 -6.04
C HIS B 39 22.17 -9.87 -6.97
N GLU B 40 22.76 -9.09 -7.87
CA GLU B 40 21.92 -8.19 -8.62
C GLU B 40 20.97 -8.88 -9.61
N ARG B 41 21.17 -10.17 -9.90
CA ARG B 41 20.24 -10.90 -10.77
CA ARG B 41 20.23 -10.91 -10.77
C ARG B 41 19.04 -11.44 -10.02
N MET B 42 18.89 -11.09 -8.74
CA MET B 42 17.63 -11.39 -8.05
C MET B 42 16.97 -10.12 -7.51
N TYR B 43 17.42 -8.95 -7.95
CA TYR B 43 16.72 -7.71 -7.62
C TYR B 43 15.45 -7.60 -8.47
N PHE B 44 14.41 -6.99 -7.87
CA PHE B 44 13.14 -6.76 -8.54
C PHE B 44 12.75 -5.29 -8.46
N GLN B 45 11.82 -4.94 -9.34
CA GLN B 45 11.17 -3.65 -9.36
C GLN B 45 9.69 -3.90 -9.50
N PHE B 46 8.88 -2.90 -9.18
CA PHE B 46 7.43 -2.99 -9.32
C PHE B 46 6.95 -1.87 -10.25
N ASP B 47 6.47 -2.27 -11.42
CA ASP B 47 5.99 -1.35 -12.47
C ASP B 47 4.51 -1.14 -12.26
N VAL B 48 4.15 0.00 -11.66
CA VAL B 48 2.75 0.25 -11.34
C VAL B 48 1.95 0.49 -12.61
N VAL B 49 0.84 -0.23 -12.73
CA VAL B 49 -0.05 -0.13 -13.88
C VAL B 49 -1.34 0.61 -13.54
N ASP B 50 -2.03 0.19 -12.47
CA ASP B 50 -3.34 0.76 -12.12
C ASP B 50 -3.50 0.60 -10.61
N GLU B 51 -3.28 1.72 -9.89
CA GLU B 51 -3.45 1.79 -8.45
C GLU B 51 -2.56 0.75 -7.78
N ARG B 52 -3.15 -0.27 -7.14
CA ARG B 52 -2.28 -1.25 -6.47
C ARG B 52 -1.69 -2.27 -7.46
N TRP B 53 -2.24 -2.36 -8.66
CA TRP B 53 -1.85 -3.44 -9.58
C TRP B 53 -0.67 -3.05 -10.43
N GLY B 54 0.26 -4.00 -10.62
CA GLY B 54 1.45 -3.72 -11.40
C GLY B 54 2.14 -5.02 -11.75
N TYR B 55 3.29 -4.87 -12.41
CA TYR B 55 4.09 -6.00 -12.83
C TYR B 55 5.29 -6.14 -11.92
N ILE B 56 5.57 -7.38 -11.49
CA ILE B 56 6.75 -7.66 -10.68
C ILE B 56 7.86 -7.91 -11.68
N LYS B 57 8.79 -6.98 -11.77
CA LYS B 57 9.73 -6.96 -12.87
C LYS B 57 11.12 -7.36 -12.39
N HIS B 58 11.71 -8.34 -13.06
CA HIS B 58 13.10 -8.68 -12.78
C HIS B 58 13.97 -7.52 -13.25
N ALA B 59 14.76 -6.94 -12.34
CA ALA B 59 15.44 -5.68 -12.65
C ALA B 59 16.42 -5.83 -13.79
N ALA B 60 17.16 -6.93 -13.82
CA ALA B 60 18.23 -7.07 -14.80
C ALA B 60 17.73 -7.26 -16.23
N SER B 61 16.58 -7.96 -16.40
CA SER B 61 16.12 -8.38 -17.72
C SER B 61 14.87 -7.67 -18.20
N GLY B 62 14.07 -7.12 -17.28
CA GLY B 62 12.78 -6.59 -17.66
C GLY B 62 11.69 -7.64 -17.85
N LYS B 63 12.01 -8.94 -17.79
CA LYS B 63 10.94 -9.93 -17.77
C LYS B 63 10.15 -9.80 -16.48
N ILE B 64 8.88 -10.25 -16.51
CA ILE B 64 8.01 -10.03 -15.35
C ILE B 64 7.43 -11.37 -14.89
N VAL B 65 6.88 -11.37 -13.68
CA VAL B 65 6.34 -12.61 -13.09
C VAL B 65 4.96 -12.92 -13.67
N HIS B 66 4.78 -14.15 -14.09
CA HIS B 66 3.46 -14.59 -14.58
C HIS B 66 3.10 -15.95 -14.02
N PRO B 67 1.81 -16.19 -13.67
CA PRO B 67 1.37 -17.57 -13.49
C PRO B 67 1.48 -18.25 -14.84
N LEU B 68 2.08 -19.42 -14.82
CA LEU B 68 2.34 -20.13 -16.07
C LEU B 68 1.02 -20.43 -16.77
N GLY B 69 0.97 -20.12 -18.06
CA GLY B 69 -0.19 -20.44 -18.87
C GLY B 69 -1.03 -19.25 -19.24
N GLY B 70 -0.90 -18.15 -18.52
CA GLY B 70 -1.68 -16.97 -18.85
C GLY B 70 -3.18 -17.14 -18.73
N LYS B 71 -3.65 -17.98 -17.79
CA LYS B 71 -5.08 -18.07 -17.53
C LYS B 71 -5.50 -16.88 -16.68
N ALA B 72 -6.77 -16.47 -16.83
CA ALA B 72 -7.29 -15.34 -16.07
C ALA B 72 -7.42 -15.67 -14.58
N ASP B 73 -7.81 -16.91 -14.25
CA ASP B 73 -8.05 -17.34 -12.88
C ASP B 73 -7.21 -18.61 -12.70
N PRO B 74 -5.91 -18.47 -12.49
CA PRO B 74 -5.05 -19.66 -12.35
C PRO B 74 -5.46 -20.48 -11.15
N PRO B 75 -5.49 -21.81 -11.26
CA PRO B 75 -5.87 -22.63 -10.11
C PRO B 75 -4.72 -22.74 -9.10
N ASN B 76 -5.08 -23.18 -7.89
CA ASN B 76 -4.04 -23.56 -6.93
C ASN B 76 -3.00 -24.47 -7.57
N GLU B 77 -1.73 -24.26 -7.20
CA GLU B 77 -0.53 -25.01 -7.64
C GLU B 77 -0.02 -24.56 -9.00
N THR B 78 -0.62 -23.54 -9.61
CA THR B 78 -0.05 -23.00 -10.84
C THR B 78 1.32 -22.40 -10.56
N LYS B 79 2.33 -22.82 -11.32
CA LYS B 79 3.70 -22.38 -11.11
C LYS B 79 3.87 -20.93 -11.55
N LEU B 80 4.76 -20.20 -10.87
CA LEU B 80 5.16 -18.87 -11.28
C LEU B 80 6.46 -18.91 -12.08
N VAL B 81 6.48 -18.14 -13.17
CA VAL B 81 7.62 -18.08 -14.08
C VAL B 81 7.89 -16.63 -14.42
N LEU B 82 9.05 -16.38 -15.05
CA LEU B 82 9.33 -15.11 -15.70
C LEU B 82 9.00 -15.19 -17.19
N HIS B 83 8.45 -14.12 -17.75
CA HIS B 83 8.14 -14.07 -19.18
C HIS B 83 8.20 -12.61 -19.60
N GLN B 84 8.56 -12.36 -20.88
CA GLN B 84 8.67 -11.01 -21.39
C GLN B 84 7.31 -10.36 -21.61
N ASP B 85 6.24 -11.15 -21.80
CA ASP B 85 4.91 -10.58 -22.09
C ASP B 85 4.42 -9.70 -20.95
N ARG B 86 3.78 -8.61 -21.35
CA ARG B 86 3.16 -7.70 -20.38
C ARG B 86 1.68 -7.57 -20.74
N HIS B 87 0.83 -8.06 -19.84
CA HIS B 87 -0.61 -7.90 -19.99
C HIS B 87 -1.26 -8.15 -18.64
N ASP B 88 -2.59 -8.01 -18.61
CA ASP B 88 -3.33 -7.92 -17.36
C ASP B 88 -3.30 -9.21 -16.54
N ARG B 89 -3.04 -10.36 -17.15
CA ARG B 89 -2.98 -11.59 -16.37
C ARG B 89 -1.69 -11.73 -15.56
N ALA B 90 -0.75 -10.80 -15.70
CA ALA B 90 0.45 -10.73 -14.89
C ALA B 90 0.38 -9.61 -13.85
N LEU B 91 -0.82 -9.10 -13.56
CA LEU B 91 -0.93 -8.02 -12.57
C LEU B 91 -0.97 -8.60 -11.16
N PHE B 92 -0.13 -8.07 -10.30
CA PHE B 92 -0.09 -8.41 -8.88
C PHE B 92 -0.17 -7.11 -8.09
N ALA B 93 -0.40 -7.25 -6.78
CA ALA B 93 -0.26 -6.14 -5.87
C ALA B 93 0.67 -6.58 -4.73
N MET B 94 1.48 -5.62 -4.27
CA MET B 94 2.50 -5.85 -3.26
CA MET B 94 2.49 -5.87 -3.25
C MET B 94 1.95 -5.33 -1.93
N ASP B 95 1.34 -6.21 -1.17
CA ASP B 95 0.65 -5.81 0.06
C ASP B 95 1.68 -5.71 1.18
N PHE B 96 2.18 -4.49 1.41
CA PHE B 96 3.19 -4.23 2.42
C PHE B 96 2.57 -3.95 3.81
N PHE B 97 1.25 -4.03 3.93
CA PHE B 97 0.62 -3.94 5.24
C PHE B 97 0.32 -5.30 5.84
N ASN B 98 -0.16 -6.24 5.04
CA ASN B 98 -0.38 -7.60 5.46
C ASN B 98 0.78 -8.52 5.09
N ASP B 99 1.74 -8.02 4.33
CA ASP B 99 2.96 -8.75 3.94
C ASP B 99 2.69 -9.97 3.05
N ASN B 100 2.10 -9.74 1.88
CA ASN B 100 1.91 -10.83 0.94
C ASN B 100 1.91 -10.24 -0.46
N ILE B 101 1.91 -11.14 -1.45
CA ILE B 101 1.85 -10.77 -2.86
C ILE B 101 0.61 -11.42 -3.43
N ILE B 102 -0.33 -10.57 -3.87
CA ILE B 102 -1.62 -11.07 -4.33
C ILE B 102 -1.78 -10.85 -5.83
N HIS B 103 -2.32 -11.86 -6.51
CA HIS B 103 -2.61 -11.75 -7.94
C HIS B 103 -3.98 -11.12 -8.15
N LYS B 104 -4.19 -10.52 -9.34
CA LYS B 104 -5.45 -9.81 -9.56
C LYS B 104 -6.67 -10.72 -9.41
N ALA B 105 -6.53 -12.02 -9.67
CA ALA B 105 -7.66 -12.92 -9.48
C ALA B 105 -7.83 -13.44 -8.06
N GLY B 106 -6.96 -13.04 -7.12
CA GLY B 106 -7.18 -13.19 -5.69
C GLY B 106 -6.32 -14.22 -4.96
N LYS B 107 -5.54 -15.05 -5.67
CA LYS B 107 -4.62 -15.98 -5.00
C LYS B 107 -3.28 -15.31 -4.72
N TYR B 108 -2.48 -15.96 -3.86
CA TYR B 108 -1.19 -15.42 -3.40
C TYR B 108 -0.03 -16.25 -3.91
N ILE B 109 1.13 -15.62 -3.92
CA ILE B 109 2.38 -16.36 -4.19
C ILE B 109 2.77 -17.14 -2.94
N HIS B 110 3.03 -18.46 -3.10
CA HIS B 110 3.44 -19.36 -2.02
C HIS B 110 4.69 -20.11 -2.42
N PRO B 111 5.48 -20.55 -1.46
CA PRO B 111 6.39 -21.67 -1.77
C PRO B 111 5.59 -22.90 -2.05
N LYS B 112 6.00 -23.64 -3.12
CA LYS B 112 5.36 -24.92 -3.40
C LYS B 112 5.51 -25.86 -2.21
N GLY B 113 4.39 -26.36 -1.69
CA GLY B 113 4.40 -27.19 -0.48
C GLY B 113 4.14 -26.43 0.80
N GLY B 114 4.25 -25.11 0.78
CA GLY B 114 3.85 -24.27 1.89
C GLY B 114 4.74 -24.29 3.12
N SER B 115 6.00 -24.70 2.99
CA SER B 115 6.87 -24.74 4.16
C SER B 115 7.29 -23.36 4.60
N THR B 116 7.40 -23.19 5.92
CA THR B 116 8.00 -21.99 6.46
C THR B 116 9.49 -21.94 6.16
N ASN B 117 10.13 -23.08 5.88
CA ASN B 117 11.59 -23.14 5.72
C ASN B 117 11.90 -24.04 4.56
N PRO B 118 11.69 -23.57 3.34
CA PRO B 118 11.91 -24.42 2.16
C PRO B 118 13.37 -24.50 1.79
N PRO B 119 13.77 -25.57 1.11
CA PRO B 119 15.14 -25.63 0.59
C PRO B 119 15.37 -24.65 -0.56
N ASN B 120 16.65 -24.36 -0.78
CA ASN B 120 16.99 -23.57 -1.96
C ASN B 120 16.48 -24.30 -3.20
N GLU B 121 16.03 -23.50 -4.18
CA GLU B 121 15.49 -23.91 -5.48
C GLU B 121 14.05 -24.38 -5.40
N THR B 122 13.37 -24.21 -4.25
CA THR B 122 11.96 -24.53 -4.17
C THR B 122 11.16 -23.64 -5.10
N LEU B 123 10.25 -24.25 -5.88
CA LEU B 123 9.39 -23.55 -6.82
C LEU B 123 8.38 -22.71 -6.05
N THR B 124 7.83 -21.70 -6.73
CA THR B 124 6.73 -20.94 -6.17
C THR B 124 5.49 -21.20 -7.00
N VAL B 125 4.35 -21.12 -6.34
CA VAL B 125 3.07 -21.40 -6.97
C VAL B 125 2.04 -20.40 -6.46
N MET B 126 0.94 -20.31 -7.21
CA MET B 126 -0.24 -19.59 -6.71
C MET B 126 -1.07 -20.49 -5.79
N HIS B 127 -1.63 -19.87 -4.73
CA HIS B 127 -2.53 -20.62 -3.86
C HIS B 127 -3.39 -19.63 -3.09
N GLY B 128 -4.65 -20.03 -2.86
CA GLY B 128 -5.60 -19.15 -2.18
C GLY B 128 -5.41 -19.04 -0.68
N ASP B 129 -4.66 -19.96 -0.07
CA ASP B 129 -4.54 -19.99 1.39
C ASP B 129 -3.70 -18.83 1.88
N LYS B 130 -3.98 -18.39 3.10
CA LYS B 130 -3.21 -17.35 3.77
C LYS B 130 -2.66 -17.92 5.07
N HIS B 131 -1.36 -17.80 5.26
CA HIS B 131 -0.71 -18.32 6.47
C HIS B 131 0.70 -17.73 6.54
N LYS B 132 1.43 -18.05 7.59
CA LYS B 132 2.75 -17.44 7.78
C LYS B 132 3.74 -17.77 6.67
N ALA B 133 3.64 -18.94 6.05
CA ALA B 133 4.59 -19.35 5.04
C ALA B 133 4.38 -18.70 3.69
N MET B 134 3.36 -17.86 3.50
CA MET B 134 3.21 -17.13 2.26
C MET B 134 3.45 -15.62 2.45
N GLU B 135 4.04 -15.23 3.58
CA GLU B 135 4.30 -13.81 3.81
C GLU B 135 5.64 -13.40 3.20
N PHE B 136 5.66 -12.21 2.62
CA PHE B 136 6.85 -11.62 2.02
C PHE B 136 6.96 -10.16 2.46
N ILE B 137 8.19 -9.71 2.62
CA ILE B 137 8.50 -8.31 2.80
C ILE B 137 9.46 -7.87 1.72
N PHE B 138 9.60 -6.54 1.53
CA PHE B 138 10.24 -5.96 0.35
C PHE B 138 11.33 -5.05 0.88
N VAL B 139 12.59 -5.40 0.64
CA VAL B 139 13.69 -4.83 1.42
C VAL B 139 14.79 -4.28 0.53
N SER B 140 15.62 -3.43 1.11
CA SER B 140 16.70 -2.80 0.35
C SER B 140 17.77 -3.81 -0.06
N PRO B 141 18.26 -3.75 -1.30
CA PRO B 141 19.37 -4.64 -1.70
C PRO B 141 20.61 -4.46 -0.88
N LYS B 142 20.77 -3.29 -0.26
CA LYS B 142 21.91 -2.97 0.59
C LYS B 142 21.67 -3.28 2.07
N ASP B 143 20.43 -3.61 2.44
CA ASP B 143 20.14 -3.88 3.85
C ASP B 143 18.89 -4.77 3.88
N LYS B 144 19.09 -6.09 3.94
CA LYS B 144 17.95 -7.05 3.83
C LYS B 144 16.98 -6.98 4.99
N ASP B 145 17.28 -6.16 6.00
CA ASP B 145 16.29 -6.00 7.05
C ASP B 145 15.52 -4.68 6.97
N LYS B 146 15.82 -3.82 6.00
CA LYS B 146 15.17 -2.52 5.89
C LYS B 146 14.08 -2.56 4.82
N ARG B 147 12.83 -2.41 5.22
CA ARG B 147 11.73 -2.31 4.26
C ARG B 147 11.83 -1.04 3.43
N VAL B 148 11.53 -1.18 2.13
CA VAL B 148 11.50 -0.06 1.19
C VAL B 148 10.13 -0.04 0.51
N LEU B 149 9.73 1.17 0.10
CA LEU B 149 8.43 1.39 -0.54
C LEU B 149 8.53 1.02 -2.01
N VAL B 150 7.81 -0.04 -2.41
CA VAL B 150 7.94 -0.53 -3.78
C VAL B 150 7.12 0.24 -4.79
N TYR B 151 6.18 1.06 -4.32
CA TYR B 151 5.25 1.75 -5.20
C TYR B 151 5.79 3.06 -5.75
N VAL B 152 7.00 3.46 -5.40
CA VAL B 152 7.60 4.67 -5.96
C VAL B 152 8.94 4.33 -6.58
C1 GOL C . -14.86 4.35 17.95
O1 GOL C . -15.30 4.28 16.59
C2 GOL C . -15.39 5.63 18.52
O2 GOL C . -16.79 5.61 18.51
C3 GOL C . -14.89 6.83 17.75
O3 GOL C . -15.34 8.01 18.37
C1 GOL D . -18.11 21.60 2.96
C1 GOL D . -18.45 21.23 2.65
O1 GOL D . -16.81 21.72 2.40
O1 GOL D . -18.76 22.05 1.54
C2 GOL D . -18.22 21.95 4.44
C2 GOL D . -18.49 21.97 3.98
O2 GOL D . -18.15 23.35 4.60
O2 GOL D . -18.27 23.35 3.81
C3 GOL D . -17.17 21.21 5.26
C3 GOL D . -17.44 21.41 4.95
O3 GOL D . -17.36 21.60 6.63
O3 GOL D . -17.78 21.99 6.21
C1 GOL E . 0.96 20.97 15.68
O1 GOL E . 1.36 19.64 15.96
C2 GOL E . -0.27 21.23 16.54
O2 GOL E . 0.00 20.96 17.92
C3 GOL E . -1.41 20.34 16.03
O3 GOL E . -2.52 20.76 16.81
C ACT F . 8.27 20.76 16.81
O ACT F . 7.18 21.06 17.33
OXT ACT F . 8.67 19.62 16.50
CH3 ACT F . 9.21 21.95 16.53
C1 PEG G . 1.00 27.67 15.78
O1 PEG G . 1.22 26.48 16.50
C2 PEG G . -0.48 27.92 15.64
O2 PEG G . -0.75 28.75 14.53
C3 PEG G . -0.89 30.12 14.85
C4 PEG G . -1.55 30.86 13.71
O4 PEG G . -2.89 30.46 13.58
C1 GOL H . -0.25 -23.91 0.32
O1 GOL H . 0.74 -23.24 1.12
C2 GOL H . 0.37 -24.97 -0.58
O2 GOL H . 1.05 -25.97 0.17
C3 GOL H . 1.34 -24.35 -1.59
O3 GOL H . 1.82 -25.38 -2.43
C1 GOL I . 20.85 -18.34 -7.40
O1 GOL I . 20.35 -17.25 -8.17
C2 GOL I . 20.24 -19.63 -7.96
O2 GOL I . 20.78 -19.81 -9.27
C3 GOL I . 18.74 -19.49 -8.13
O3 GOL I . 18.33 -20.66 -8.81
C1 GOL J . 2.58 -15.04 -20.79
O1 GOL J . 1.89 -14.58 -21.94
C2 GOL J . 2.17 -16.45 -20.42
O2 GOL J . 2.20 -17.21 -21.60
C3 GOL J . 3.09 -17.00 -19.32
O3 GOL J . 3.30 -18.40 -19.44
C1 GOL K . -9.98 -3.46 -3.61
O1 GOL K . -9.85 -4.46 -2.60
C2 GOL K . -9.89 -4.04 -5.00
O2 GOL K . -9.03 -5.18 -5.02
C3 GOL K . -9.44 -3.04 -6.04
O3 GOL K . -8.93 -3.69 -7.21
C1 GOL L . 7.12 -6.78 11.05
O1 GOL L . 6.60 -8.09 11.11
C2 GOL L . 8.62 -6.84 10.77
O2 GOL L . 8.86 -7.73 9.70
C3 GOL L . 9.21 -5.46 10.51
O3 GOL L . 10.10 -5.52 9.39
#